data_8GCG
#
_entry.id   8GCG
#
_cell.length_a   41.269
_cell.length_b   44.360
_cell.length_c   58.250
_cell.angle_alpha   90.00
_cell.angle_beta   90.00
_cell.angle_gamma   90.00
#
_symmetry.space_group_name_H-M   'P 21 21 21'
#
loop_
_entity.id
_entity.type
_entity.pdbx_description
1 polymer 'E3 ubiquitin-protein ligase Mdm2'
2 polymer 'macrocyclic peptide inhibitor'
3 water water
#
loop_
_entity_poly.entity_id
_entity_poly.type
_entity_poly.pdbx_seq_one_letter_code
_entity_poly.pdbx_strand_id
1 'polypeptide(L)'
;SQIPASEQETLVRPKPLLLKLLKSVGAQKDTYTMKEVLFYLGQYIMTKRLYDEKQQHIVYCSNDLLGDLFGVPSFSVKEH
RKIYTMIYRNLVVVNQQESSDSGTSVSEN
;
A
2 'polypeptide(L)' VWFG(A1A2I)(FX9)(A1A2J)(A1A2K)(NH2) B
#
loop_
_chem_comp.id
_chem_comp.type
_chem_comp.name
_chem_comp.formula
A1A2J peptide-like (2S,4S)-4-amino-1-benzoylpyrrolidine-2-carbaldehyde 'C12 H14 N2 O3'
NH2 non-polymer 'AMINO GROUP' 'H2 N'
#
# COMPACT_ATOMS: atom_id res chain seq x y z
N GLU A 9 7.33 10.30 10.22
CA GLU A 9 7.81 10.29 8.85
C GLU A 9 7.29 11.59 8.19
N THR A 10 7.37 11.69 6.87
CA THR A 10 6.97 12.90 6.18
C THR A 10 5.46 12.90 5.93
N LEU A 11 4.88 14.11 5.85
CA LEU A 11 3.44 14.26 5.71
C LEU A 11 3.02 14.27 4.25
N VAL A 12 2.08 13.40 3.92
CA VAL A 12 1.65 13.20 2.54
C VAL A 12 0.12 13.24 2.49
N ARG A 13 -0.39 13.64 1.34
CA ARG A 13 -1.83 13.68 1.12
C ARG A 13 -2.17 12.69 0.02
N PRO A 14 -2.76 11.53 0.35
CA PRO A 14 -3.12 10.57 -0.69
C PRO A 14 -4.11 11.17 -1.68
N LYS A 15 -3.91 10.82 -2.96
CA LYS A 15 -4.89 11.16 -3.99
C LYS A 15 -6.17 10.35 -3.75
N PRO A 16 -7.27 10.73 -4.41
CA PRO A 16 -8.59 10.24 -3.97
C PRO A 16 -8.75 8.73 -3.87
N LEU A 17 -8.26 7.98 -4.87
CA LEU A 17 -8.46 6.53 -4.83
C LEU A 17 -7.56 5.86 -3.79
N LEU A 18 -6.37 6.41 -3.55
CA LEU A 18 -5.56 5.91 -2.44
C LEU A 18 -6.18 6.24 -1.10
N LEU A 19 -6.75 7.45 -0.96
CA LEU A 19 -7.46 7.78 0.28
C LEU A 19 -8.60 6.82 0.51
N LYS A 20 -9.38 6.52 -0.54
CA LYS A 20 -10.47 5.58 -0.38
C LYS A 20 -9.95 4.25 0.14
N LEU A 21 -8.88 3.74 -0.48
CA LEU A 21 -8.30 2.48 -0.05
C LEU A 21 -7.90 2.51 1.42
N LEU A 22 -7.21 3.58 1.84
CA LEU A 22 -6.78 3.68 3.23
C LEU A 22 -7.97 3.73 4.18
N LYS A 23 -8.96 4.57 3.86
CA LYS A 23 -10.14 4.66 4.70
C LYS A 23 -10.88 3.32 4.78
N SER A 24 -10.80 2.51 3.73
CA SER A 24 -11.49 1.22 3.73
C SER A 24 -10.92 0.27 4.78
N VAL A 25 -9.71 0.54 5.29
CA VAL A 25 -9.14 -0.25 6.37
C VAL A 25 -9.00 0.58 7.63
N GLY A 26 -9.85 1.59 7.77
CA GLY A 26 -10.03 2.28 9.04
C GLY A 26 -9.19 3.51 9.24
N ALA A 27 -8.43 3.95 8.25
CA ALA A 27 -7.73 5.23 8.37
C ALA A 27 -8.75 6.36 8.41
N GLN A 28 -8.40 7.44 9.13
CA GLN A 28 -9.37 8.45 9.50
C GLN A 28 -9.00 9.85 9.06
N LYS A 29 -7.86 10.03 8.42
CA LYS A 29 -7.29 11.34 8.15
C LYS A 29 -7.24 11.58 6.64
N ASP A 30 -6.96 12.83 6.28
CA ASP A 30 -6.63 13.17 4.91
C ASP A 30 -5.14 13.30 4.69
N THR A 31 -4.38 13.45 5.77
CA THR A 31 -2.93 13.63 5.74
C THR A 31 -2.30 12.59 6.64
N TYR A 32 -1.20 11.99 6.16
CA TYR A 32 -0.57 10.87 6.83
C TYR A 32 0.94 11.00 6.82
N THR A 33 1.58 10.29 7.74
CA THR A 33 3.00 10.02 7.60
C THR A 33 3.19 8.85 6.64
N MET A 34 4.35 8.79 6.02
CA MET A 34 4.67 7.62 5.20
C MET A 34 4.54 6.33 6.00
N LYS A 35 4.96 6.33 7.27
CA LYS A 35 4.84 5.12 8.06
C LYS A 35 3.39 4.70 8.20
N GLU A 36 2.48 5.67 8.36
CA GLU A 36 1.06 5.34 8.39
C GLU A 36 0.59 4.76 7.06
N VAL A 37 1.01 5.37 5.95
CA VAL A 37 0.57 4.86 4.64
C VAL A 37 1.00 3.42 4.47
N LEU A 38 2.26 3.12 4.80
CA LEU A 38 2.74 1.75 4.67
C LEU A 38 1.96 0.82 5.56
N PHE A 39 1.70 1.23 6.80
CA PHE A 39 0.92 0.40 7.71
C PHE A 39 -0.44 0.05 7.12
N TYR A 40 -1.17 1.07 6.66
CA TYR A 40 -2.52 0.82 6.13
C TYR A 40 -2.50 0.01 4.84
N LEU A 41 -1.50 0.25 3.98
CA LEU A 41 -1.35 -0.60 2.80
C LEU A 41 -1.20 -2.05 3.21
N GLY A 42 -0.40 -2.32 4.25
CA GLY A 42 -0.25 -3.69 4.71
C GLY A 42 -1.55 -4.27 5.24
N GLN A 43 -2.29 -3.46 6.02
CA GLN A 43 -3.58 -3.95 6.51
C GLN A 43 -4.52 -4.28 5.37
N TYR A 44 -4.48 -3.49 4.29
CA TYR A 44 -5.33 -3.75 3.12
C TYR A 44 -4.91 -5.05 2.43
N ILE A 45 -3.62 -5.24 2.24
CA ILE A 45 -3.13 -6.47 1.64
C ILE A 45 -3.58 -7.68 2.43
N MET A 46 -3.58 -7.57 3.76
CA MET A 46 -4.01 -8.67 4.61
C MET A 46 -5.51 -8.89 4.52
N THR A 47 -6.28 -7.81 4.63
CA THR A 47 -7.73 -7.96 4.69
C THR A 47 -8.31 -8.41 3.35
N LYS A 48 -7.66 -8.07 2.24
CA LYS A 48 -8.04 -8.55 0.92
C LYS A 48 -7.30 -9.81 0.50
N ARG A 49 -6.44 -10.36 1.36
CA ARG A 49 -5.72 -11.61 1.10
C ARG A 49 -4.98 -11.57 -0.23
N LEU A 50 -4.25 -10.49 -0.46
CA LEU A 50 -3.46 -10.30 -1.66
C LEU A 50 -2.08 -10.94 -1.56
N TYR A 51 -1.95 -11.98 -0.74
CA TYR A 51 -0.69 -12.68 -0.58
C TYR A 51 -0.99 -14.11 -0.19
N ASP A 52 0.03 -14.94 -0.29
CA ASP A 52 -0.01 -16.33 0.15
C ASP A 52 0.97 -16.47 1.31
N GLU A 53 0.50 -17.05 2.42
CA GLU A 53 1.33 -17.08 3.63
C GLU A 53 2.64 -17.85 3.46
N LYS A 54 2.75 -18.72 2.46
CA LYS A 54 3.97 -19.49 2.24
C LYS A 54 4.93 -18.83 1.26
N GLN A 55 4.59 -17.68 0.71
CA GLN A 55 5.55 -16.86 -0.02
C GLN A 55 5.20 -15.40 0.26
N GLN A 56 5.35 -15.01 1.52
CA GLN A 56 4.78 -13.75 2.00
C GLN A 56 5.44 -12.52 1.41
N HIS A 57 6.55 -12.67 0.70
CA HIS A 57 7.15 -11.50 0.06
C HIS A 57 6.39 -11.05 -1.16
N ILE A 58 5.52 -11.89 -1.70
CA ILE A 58 4.85 -11.61 -2.97
C ILE A 58 3.47 -11.04 -2.73
N VAL A 59 3.19 -9.91 -3.37
CA VAL A 59 1.85 -9.32 -3.37
C VAL A 59 1.22 -9.56 -4.73
N TYR A 60 -0.03 -9.99 -4.73
CA TYR A 60 -0.78 -10.26 -5.95
C TYR A 60 -1.92 -9.25 -6.00
N CYS A 61 -1.76 -8.25 -6.86
CA CYS A 61 -2.68 -7.12 -6.87
C CYS A 61 -3.36 -6.91 -8.21
N SER A 62 -3.25 -7.88 -9.10
CA SER A 62 -3.97 -7.82 -10.38
C SER A 62 -5.44 -7.86 -10.00
N ASN A 63 -6.29 -7.26 -10.80
CA ASN A 63 -7.75 -7.36 -10.54
C ASN A 63 -8.10 -6.80 -9.15
N ASP A 64 -7.37 -5.80 -8.71
CA ASP A 64 -7.66 -5.12 -7.43
C ASP A 64 -7.32 -3.63 -7.61
N LEU A 65 -8.03 -2.77 -6.89
CA LEU A 65 -7.71 -1.35 -6.95
C LEU A 65 -6.22 -1.13 -6.67
N LEU A 66 -5.63 -1.95 -5.79
CA LEU A 66 -4.22 -1.75 -5.50
C LEU A 66 -3.35 -1.87 -6.74
N GLY A 67 -3.61 -2.88 -7.57
CA GLY A 67 -2.89 -3.01 -8.82
C GLY A 67 -3.16 -1.87 -9.78
N ASP A 68 -4.39 -1.32 -9.78
CA ASP A 68 -4.66 -0.15 -10.60
C ASP A 68 -3.84 1.04 -10.15
N LEU A 69 -3.74 1.25 -8.82
CA LEU A 69 -2.96 2.36 -8.31
C LEU A 69 -1.48 2.18 -8.56
N PHE A 70 -0.97 0.97 -8.39
CA PHE A 70 0.47 0.72 -8.49
C PHE A 70 0.95 0.51 -9.93
N GLY A 71 0.06 0.13 -10.83
CA GLY A 71 0.47 -0.09 -12.20
C GLY A 71 1.12 -1.41 -12.49
N VAL A 72 1.00 -2.37 -11.57
CA VAL A 72 1.60 -3.69 -11.75
C VAL A 72 0.65 -4.75 -11.23
N PRO A 73 0.77 -5.97 -11.74
CA PRO A 73 -0.07 -7.07 -11.27
C PRO A 73 0.49 -7.75 -10.03
N SER A 74 1.77 -7.59 -9.75
CA SER A 74 2.38 -8.27 -8.63
C SER A 74 3.72 -7.60 -8.36
N PHE A 75 4.17 -7.68 -7.11
CA PHE A 75 5.47 -7.13 -6.78
C PHE A 75 5.97 -7.84 -5.52
N SER A 76 7.27 -7.73 -5.28
CA SER A 76 7.88 -8.24 -4.08
C SER A 76 8.10 -7.11 -3.11
N VAL A 77 7.91 -7.40 -1.82
CA VAL A 77 8.15 -6.40 -0.79
C VAL A 77 9.61 -5.95 -0.72
N LYS A 78 10.52 -6.72 -1.33
CA LYS A 78 11.95 -6.35 -1.35
C LYS A 78 12.28 -5.27 -2.38
N GLU A 79 11.32 -4.91 -3.25
CA GLU A 79 11.52 -3.89 -4.27
C GLU A 79 11.25 -2.53 -3.65
N HIS A 80 12.11 -2.14 -2.72
CA HIS A 80 11.90 -0.94 -1.92
C HIS A 80 11.72 0.30 -2.78
N ARG A 81 12.69 0.58 -3.66
CA ARG A 81 12.59 1.76 -4.50
C ARG A 81 11.33 1.72 -5.33
N LYS A 82 11.06 0.57 -5.97
CA LYS A 82 9.91 0.51 -6.88
C LYS A 82 8.61 0.72 -6.11
N ILE A 83 8.51 0.17 -4.91
CA ILE A 83 7.31 0.36 -4.11
C ILE A 83 7.11 1.84 -3.78
N TYR A 84 8.18 2.50 -3.35
CA TYR A 84 8.03 3.94 -3.10
C TYR A 84 7.63 4.69 -4.36
N THR A 85 8.20 4.34 -5.51
CA THR A 85 7.82 5.01 -6.74
C THR A 85 6.35 4.83 -7.00
N MET A 86 5.85 3.62 -6.77
CA MET A 86 4.44 3.33 -7.05
C MET A 86 3.55 4.05 -6.07
N ILE A 87 3.96 4.14 -4.81
CA ILE A 87 3.16 4.84 -3.83
C ILE A 87 3.14 6.33 -4.15
N TYR A 88 4.32 6.89 -4.49
CA TYR A 88 4.42 8.35 -4.64
C TYR A 88 3.55 8.87 -5.76
N ARG A 89 3.29 8.05 -6.79
CA ARG A 89 2.42 8.48 -7.87
C ARG A 89 0.99 8.69 -7.37
N ASN A 90 0.66 8.17 -6.19
CA ASN A 90 -0.68 8.23 -5.63
C ASN A 90 -0.80 9.20 -4.46
N LEU A 91 0.18 10.08 -4.30
CA LEU A 91 0.28 10.98 -3.16
C LEU A 91 0.83 12.32 -3.63
N VAL A 92 0.60 13.35 -2.83
CA VAL A 92 1.36 14.60 -2.94
C VAL A 92 2.01 14.85 -1.58
N VAL A 93 3.24 15.35 -1.61
CA VAL A 93 3.92 15.73 -0.38
C VAL A 93 3.48 17.10 0.15
N VAL B 1 8.46 -6.41 7.21
CA VAL B 1 7.90 -6.50 5.87
C VAL B 1 6.68 -7.38 6.03
N TRP B 2 6.21 -7.70 7.36
CA TRP B 2 5.02 -8.53 7.55
C TRP B 2 3.87 -7.55 7.37
N PHE B 3 2.84 -7.93 6.46
CA PHE B 3 1.73 -7.04 6.17
C PHE B 3 0.92 -6.60 7.36
N GLY B 4 0.78 -7.45 8.52
CA GLY B 4 0.03 -6.94 9.67
C GLY B 4 1.22 -6.33 10.44
OAC A1A2I B 5 5.14 -3.92 9.84
CAH A1A2I B 5 4.01 -3.66 9.95
CAK A1A2I B 5 3.51 -3.73 11.40
CAI A1A2I B 5 2.74 -2.52 11.88
CAA A1A2I B 5 2.53 -2.71 13.37
CAF A1A2I B 5 3.63 -1.30 11.63
CAJ A1A2I B 5 2.78 -5.03 11.67
NAB A1A2I B 5 1.42 -5.10 11.15
H2 A1A2I B 5 3.48 -2.99 13.83
H041 A1A2I B 5 4.41 -3.72 11.99
H021 A1A2I B 5 1.79 -2.39 11.37
H4 A1A2I B 5 1.80 -3.50 13.54
H3 A1A2I B 5 2.17 -1.79 13.81
H5 A1A2I B 5 4.62 -1.48 12.06
H033 A1A2I B 5 3.18 -0.43 12.11
H032 A1A2I B 5 3.72 -1.12 10.57
H052 A1A2I B 5 2.74 -5.17 12.74
H051 A1A2I B 5 3.35 -5.83 11.23
H10 A1A2I B 5 0.71 -4.40 11.29
CA FX9 B 6 4.01 -3.31 7.52
CB FX9 B 6 3.02 -3.39 6.36
CG FX9 B 6 3.70 -3.65 5.03
CD1 FX9 B 6 4.56 -4.85 4.84
CZ FX9 B 6 5.04 -4.13 2.40
CE2 FX9 B 6 4.18 -2.94 2.60
CD2 FX9 B 6 3.52 -2.65 3.95
C FX9 B 6 4.77 -2.00 7.34
CE1 FX9 B 6 5.23 -5.11 3.53
C09 FX9 B 6 4.02 -1.99 1.45
F10 FX9 B 6 3.44 -2.68 0.43
F11 FX9 B 6 5.22 -1.53 1.06
F12 FX9 B 6 3.26 -0.94 1.82
N FX9 B 6 3.27 -3.31 8.75
O FX9 B 6 4.22 -0.93 7.33
HA FX9 B 6 4.70 -4.14 7.54
HB2 FX9 B 6 2.33 -4.21 6.56
HB3 FX9 B 6 2.47 -2.46 6.31
HD1 FX9 B 6 4.69 -5.55 5.66
HZ FX9 B 6 5.52 -4.30 1.44
HD2 FX9 B 6 2.95 -1.76 4.10
HE1 FX9 B 6 5.86 -5.99 3.39
H FX9 B 6 2.29 -3.10 8.79
C A1A2J B 7 10.59 -0.56 7.40
C51 A1A2J B 7 9.15 -0.03 6.95
C52 A1A2J B 7 8.18 -0.73 7.97
CA A1A2J B 7 6.90 -1.07 6.87
C54 A1A2J B 7 7.82 -1.28 5.57
C56 A1A2J B 7 9.51 0.07 4.84
C58 A1A2J B 7 9.30 -0.30 3.39
C59 A1A2J B 7 9.13 0.77 2.33
C60 A1A2J B 7 8.93 0.35 0.90
C61 A1A2J B 7 8.94 -1.12 0.54
C62 A1A2J B 7 9.12 -2.18 1.59
C63 A1A2J B 7 9.31 -1.76 3.03
N55 A1A2J B 7 8.73 -0.51 5.93
N A1A2J B 7 6.21 -2.11 7.11
O A1A2J B 7 11.19 -1.41 6.81
O57 A1A2J B 7 10.39 0.86 5.05
H511 A1A2J B 7 9.10 1.06 6.85
H522 A1A2J B 7 8.60 -1.65 8.38
H4 A1A2J B 7 7.85 -0.05 8.76
HA A1A2J B 7 6.24 -0.22 6.81
H542 A1A2J B 7 7.33 -0.93 4.67
H541 A1A2J B 7 8.16 -2.30 5.49
H591 A1A2J B 7 9.13 1.81 2.61
H601 A1A2J B 7 8.78 1.09 0.13
H611 A1A2J B 7 8.83 -1.42 -0.49
H621 A1A2J B 7 9.10 -3.23 1.33
H631 A1A2J B 7 9.47 -2.51 3.80
H A1A2J B 7 6.65 -3.00 7.15
C40 A1A2K B 8 8.50 -5.14 7.87
C42 A1A2K B 8 9.08 -5.16 9.29
C44 A1A2K B 8 10.22 -3.11 10.02
C45 A1A2K B 8 11.49 -2.59 9.81
CB A1A2K B 8 12.06 -1.28 10.34
CA A1A2K B 8 12.41 -0.46 9.12
C A1A2K B 8 13.31 0.68 9.54
N43 A1A2K B 8 10.18 -4.25 9.37
N A1A2K B 8 11.13 0.01 8.62
N85 A1A2K B 8 12.16 -3.41 9.04
N86 A1A2K B 8 11.38 -4.47 8.74
O41 A1A2K B 8 8.16 -4.13 7.36
O A1A2K B 8 14.46 0.65 9.24
H422 A1A2K B 8 8.31 -4.86 9.99
H421 A1A2K B 8 9.40 -6.17 9.53
H441 A1A2K B 8 9.42 -2.67 10.60
HB2 A1A2K B 8 11.31 -0.78 10.95
HB1 A1A2K B 8 12.94 -1.47 10.94
HA A1A2K B 8 12.94 -1.00 8.35
H A1A2K B 8 10.63 0.72 9.11
N NH2 B 9 12.74 1.78 10.31
HN1 NH2 B 9 13.33 2.54 10.60
HN2 NH2 B 9 11.78 1.77 10.54
#